data_4HXA
#
_entry.id   4HXA
#
_cell.length_a   41.750
_cell.length_b   100.280
_cell.length_c   132.190
_cell.angle_alpha   90.00
_cell.angle_beta   90.00
_cell.angle_gamma   90.00
#
_symmetry.space_group_name_H-M   'P 21 21 21'
#
loop_
_entity.id
_entity.type
_entity.pdbx_description
1 polymer '13D9 FAB LIGHT CHAIN'
2 polymer '13D9 FAB HEAVY CHAIN'
3 water water
#
loop_
_entity_poly.entity_id
_entity_poly.type
_entity_poly.pdbx_seq_one_letter_code
_entity_poly.pdbx_strand_id
1 'polypeptide(L)'
;EEVLTQSPAIMSASPGEKVTMTCSVSSSVNYMHWYQQKSSTSPKLWIYDTSNLASGVPGRFSGSGSGISYSLTISSMEAE
DVATYYCFQGSGYPLTFGGGTKLEIKRADAAPTVSIFPPSSEQLTSGGASVVCFLNNFYPKDINVKWKIDGSERQNGVLN
SWTDQDSKDSTYSMSSTLTLTKDEYERHNSYTCEATHKTSTSPIVKSFNRNEC
;
L
2 'polypeptide(L)'
;QVQLVETGGGLVRPGNSLKLSCVTSGFTFSNYRMHWLRQPPGKRLEWIAVITVKSDIYGANYAESVKGRFTISRDDSKSS
VYLQMSRLREEDTATYYCSRSRGRTLDYWGQGTSVTVSSAKTTAPSVYPLAPVCGDTTGSSVTLGCLVKGYFPEPVTLTW
NSGSLSSGVHTFPAVLQSDLYTLSSSVTVTSSTWPSQSITCNVAHPASSTKVDKKIEPRGP
;
H
#
# COMPACT_ATOMS: atom_id res chain seq x y z
N GLU A 1 4.04 -10.83 -27.73
CA GLU A 1 4.67 -9.88 -26.74
C GLU A 1 5.94 -10.45 -26.12
N GLU A 2 6.79 -9.55 -25.65
CA GLU A 2 7.92 -9.98 -24.90
C GLU A 2 7.49 -10.14 -23.43
N VAL A 3 7.41 -11.40 -22.99
CA VAL A 3 7.00 -11.72 -21.62
C VAL A 3 8.17 -11.83 -20.65
N LEU A 4 8.11 -11.05 -19.57
CA LEU A 4 9.22 -10.96 -18.65
C LEU A 4 8.85 -11.70 -17.35
N THR A 5 9.73 -12.59 -16.90
CA THR A 5 9.51 -13.40 -15.69
C THR A 5 10.64 -13.17 -14.69
N GLN A 6 10.30 -12.66 -13.52
CA GLN A 6 11.29 -12.40 -12.52
C GLN A 6 11.33 -13.48 -11.42
N SER A 7 12.54 -13.86 -10.99
CA SER A 7 12.75 -14.77 -9.89
C SER A 7 13.77 -14.13 -8.95
N PRO A 8 13.59 -14.34 -7.64
CA PRO A 8 12.40 -14.90 -6.98
C PRO A 8 11.36 -13.84 -6.89
N ALA A 9 10.08 -14.21 -6.74
CA ALA A 9 8.99 -13.24 -6.55
C ALA A 9 9.21 -12.38 -5.30
N ILE A 10 9.82 -12.99 -4.29
CA ILE A 10 10.01 -12.38 -2.99
C ILE A 10 11.28 -12.96 -2.37
N MET A 11 12.05 -12.09 -1.74
CA MET A 11 13.28 -12.52 -1.09
C MET A 11 13.61 -11.59 0.07
N SER A 12 14.42 -12.09 1.00
CA SER A 12 14.92 -11.33 2.15
C SER A 12 16.46 -11.49 2.24
N ALA A 13 17.16 -10.47 2.68
CA ALA A 13 18.62 -10.52 2.76
C ALA A 13 18.99 -9.77 4.00
N SER A 14 20.04 -10.24 4.71
CA SER A 14 20.55 -9.55 5.92
C SER A 14 21.33 -8.34 5.44
N PRO A 15 21.54 -7.35 6.31
CA PRO A 15 22.32 -6.16 5.86
C PRO A 15 23.76 -6.61 5.49
N GLY A 16 24.40 -5.95 4.51
CA GLY A 16 25.75 -6.40 3.98
C GLY A 16 25.76 -7.65 3.09
N GLU A 17 24.64 -8.34 2.98
CA GLU A 17 24.55 -9.52 2.10
C GLU A 17 24.40 -9.16 0.61
N LYS A 18 24.99 -9.99 -0.26
CA LYS A 18 24.96 -9.86 -1.70
C LYS A 18 23.61 -10.35 -2.24
N VAL A 19 22.98 -9.49 -3.07
CA VAL A 19 21.63 -9.80 -3.55
C VAL A 19 21.67 -9.91 -5.06
N THR A 20 21.13 -11.01 -5.61
CA THR A 20 20.92 -11.08 -7.04
C THR A 20 19.50 -11.48 -7.42
N MET A 21 18.92 -10.76 -8.37
CA MET A 21 17.59 -11.12 -8.83
C MET A 21 17.62 -11.16 -10.35
N THR A 22 16.84 -12.06 -10.98
CA THR A 22 16.88 -12.28 -12.38
C THR A 22 15.54 -11.94 -13.06
N CYS A 23 15.67 -11.63 -14.34
CA CYS A 23 14.58 -11.30 -15.24
C CYS A 23 14.77 -12.12 -16.54
N SER A 24 13.88 -13.09 -16.81
CA SER A 24 13.96 -13.94 -18.01
C SER A 24 12.95 -13.45 -18.99
N VAL A 25 13.35 -13.43 -20.25
CA VAL A 25 12.47 -12.89 -21.32
C VAL A 25 12.02 -14.05 -22.29
N SER A 26 10.74 -14.07 -22.72
CA SER A 26 10.23 -15.08 -23.65
C SER A 26 10.98 -15.13 -25.00
N SER A 27 11.56 -14.00 -25.43
CA SER A 27 12.41 -13.96 -26.64
C SER A 27 13.27 -12.71 -26.54
N SER A 28 14.65 -12.72 -27.29
CA SER A 28 15.72 -11.80 -26.91
C SER A 28 15.24 -10.38 -27.10
N VAL A 29 15.67 -9.52 -26.16
CA VAL A 29 15.54 -8.10 -26.29
C VAL A 29 16.97 -7.53 -26.25
N ASN A 30 17.16 -6.33 -26.82
CA ASN A 30 18.46 -5.68 -26.91
C ASN A 30 18.96 -5.04 -25.60
N TYR A 31 18.04 -4.39 -24.86
CA TYR A 31 18.30 -3.82 -23.54
C TYR A 31 17.22 -4.09 -22.50
N MET A 32 17.60 -4.22 -21.25
CA MET A 32 16.65 -4.29 -20.14
C MET A 32 16.82 -3.07 -19.19
N HIS A 33 15.71 -2.63 -18.60
CA HIS A 33 15.68 -1.52 -17.61
C HIS A 33 15.11 -2.01 -16.31
N TRP A 34 15.41 -1.30 -15.25
CA TRP A 34 14.88 -1.67 -13.91
C TRP A 34 14.27 -0.49 -13.18
N TYR A 35 13.11 -0.71 -12.52
CA TYR A 35 12.45 0.30 -11.67
C TYR A 35 12.39 -0.20 -10.25
N GLN A 36 12.61 0.74 -9.32
CA GLN A 36 12.45 0.50 -7.92
C GLN A 36 11.11 1.15 -7.47
N GLN A 37 10.30 0.32 -6.83
CA GLN A 37 8.99 0.75 -6.30
C GLN A 37 8.84 0.52 -4.81
N LYS A 38 8.77 1.62 -4.08
CA LYS A 38 8.47 1.56 -2.64
C LYS A 38 6.98 1.79 -2.33
N SER A 39 6.37 0.87 -1.58
CA SER A 39 5.02 1.07 -1.04
C SER A 39 3.97 1.41 -2.12
N SER A 40 4.00 0.72 -3.27
CA SER A 40 3.09 1.02 -4.36
C SER A 40 2.97 2.52 -4.72
N THR A 41 4.04 3.27 -4.52
CA THR A 41 4.11 4.64 -4.96
C THR A 41 4.82 4.76 -6.31
N SER A 42 4.90 5.97 -6.83
CA SER A 42 5.46 6.18 -8.14
C SER A 42 6.85 5.50 -8.29
N PRO A 43 7.01 4.66 -9.35
CA PRO A 43 8.27 3.95 -9.65
C PRO A 43 9.36 4.91 -10.00
N LYS A 44 10.60 4.52 -9.67
CA LYS A 44 11.76 5.32 -9.91
C LYS A 44 12.65 4.55 -10.85
N LEU A 45 13.03 5.18 -11.98
CA LEU A 45 13.99 4.56 -12.94
C LEU A 45 15.26 4.21 -12.16
N TRP A 46 15.77 2.98 -12.30
CA TRP A 46 16.89 2.59 -11.44
C TRP A 46 18.13 2.32 -12.26
N ILE A 47 17.92 1.48 -13.26
CA ILE A 47 18.95 1.08 -14.17
C ILE A 47 18.29 1.18 -15.57
N TYR A 48 18.99 1.80 -16.51
CA TYR A 48 18.49 1.86 -17.88
C TYR A 48 19.52 1.26 -18.86
N ASP A 49 19.04 0.68 -19.96
CA ASP A 49 19.95 0.12 -20.99
C ASP A 49 20.92 -0.90 -20.42
N THR A 50 20.32 -1.80 -19.62
CA THR A 50 20.96 -2.95 -19.02
C THR A 50 21.84 -2.61 -17.81
N SER A 51 22.80 -1.70 -17.99
CA SER A 51 23.89 -1.57 -17.00
C SER A 51 24.12 -0.15 -16.45
N ASN A 52 23.40 0.84 -16.97
CA ASN A 52 23.59 2.22 -16.48
C ASN A 52 22.70 2.60 -15.31
N LEU A 53 23.31 3.02 -14.20
CA LEU A 53 22.57 3.51 -13.05
C LEU A 53 22.03 4.88 -13.39
N ALA A 54 20.78 5.10 -12.98
CA ALA A 54 20.11 6.37 -13.09
C ALA A 54 20.73 7.35 -12.07
N SER A 55 20.41 8.64 -12.22
CA SER A 55 21.01 9.67 -11.34
C SER A 55 20.64 9.44 -9.88
N GLY A 56 21.65 9.38 -9.01
CA GLY A 56 21.41 9.21 -7.57
C GLY A 56 21.32 7.76 -7.07
N VAL A 57 21.33 6.80 -8.01
CA VAL A 57 21.33 5.38 -7.61
C VAL A 57 22.73 5.00 -7.12
N PRO A 58 22.83 4.41 -5.90
CA PRO A 58 24.12 4.09 -5.29
C PRO A 58 24.92 3.07 -6.08
N GLY A 59 26.26 3.16 -6.02
CA GLY A 59 27.16 2.28 -6.83
C GLY A 59 27.18 0.80 -6.39
N ARG A 60 26.55 0.52 -5.26
CA ARG A 60 26.34 -0.89 -4.84
C ARG A 60 25.40 -1.64 -5.79
N PHE A 61 24.61 -0.91 -6.59
CA PHE A 61 23.73 -1.51 -7.62
C PHE A 61 24.44 -1.71 -8.93
N SER A 62 24.13 -2.82 -9.58
CA SER A 62 24.63 -3.12 -10.89
C SER A 62 23.57 -3.94 -11.68
N GLY A 63 23.54 -3.72 -12.98
CA GLY A 63 22.72 -4.46 -13.93
C GLY A 63 23.63 -5.12 -14.94
N SER A 64 23.28 -6.34 -15.31
CA SER A 64 23.93 -6.99 -16.42
C SER A 64 22.94 -7.90 -17.17
N GLY A 65 23.47 -8.62 -18.16
CA GLY A 65 22.75 -9.60 -18.95
C GLY A 65 22.71 -9.24 -20.45
N SER A 66 22.08 -10.12 -21.23
CA SER A 66 21.97 -9.97 -22.69
C SER A 66 20.89 -10.92 -23.11
N GLY A 67 20.31 -10.67 -24.28
CA GLY A 67 19.50 -11.72 -24.86
C GLY A 67 18.18 -11.93 -24.15
N ILE A 68 18.03 -13.12 -23.54
CA ILE A 68 16.83 -13.46 -22.80
C ILE A 68 17.08 -13.53 -21.26
N SER A 69 18.26 -13.13 -20.79
CA SER A 69 18.57 -13.22 -19.34
C SER A 69 19.23 -11.99 -18.78
N TYR A 70 18.56 -11.33 -17.83
CA TYR A 70 19.07 -10.12 -17.21
C TYR A 70 19.07 -10.24 -15.68
N SER A 71 19.92 -9.48 -15.05
CA SER A 71 19.94 -9.52 -13.59
C SER A 71 20.23 -8.14 -13.04
N LEU A 72 19.81 -7.97 -11.81
CA LEU A 72 20.22 -6.84 -10.98
C LEU A 72 20.81 -7.36 -9.66
N THR A 73 21.91 -6.72 -9.28
CA THR A 73 22.71 -7.17 -8.16
C THR A 73 22.95 -5.96 -7.28
N ILE A 74 22.89 -6.20 -5.96
CA ILE A 74 23.29 -5.25 -4.92
C ILE A 74 24.46 -5.92 -4.18
N SER A 75 25.59 -5.26 -4.21
CA SER A 75 26.82 -5.88 -3.69
C SER A 75 26.70 -6.06 -2.17
N SER A 76 26.02 -5.12 -1.52
CA SER A 76 25.91 -5.18 -0.08
C SER A 76 24.53 -4.65 0.32
N MET A 77 23.64 -5.56 0.73
CA MET A 77 22.26 -5.12 1.13
C MET A 77 22.22 -4.01 2.24
N GLU A 78 21.44 -2.96 1.98
CA GLU A 78 21.12 -1.93 2.97
C GLU A 78 19.62 -1.75 3.22
N ALA A 79 19.28 -1.18 4.38
CA ALA A 79 17.87 -0.96 4.74
C ALA A 79 17.07 -0.17 3.73
N GLU A 80 17.69 0.86 3.13
CA GLU A 80 17.07 1.72 2.12
C GLU A 80 16.78 1.03 0.78
N ASP A 81 17.32 -0.15 0.56
CA ASP A 81 17.05 -1.02 -0.63
C ASP A 81 15.75 -1.85 -0.58
N VAL A 82 15.12 -1.86 0.58
CA VAL A 82 13.81 -2.49 0.74
C VAL A 82 12.83 -1.79 -0.21
N ALA A 83 12.34 -2.58 -1.18
CA ALA A 83 11.47 -2.13 -2.28
C ALA A 83 11.08 -3.34 -3.13
N THR A 84 10.21 -3.10 -4.09
CA THR A 84 9.97 -4.00 -5.20
C THR A 84 10.67 -3.45 -6.45
N TYR A 85 11.38 -4.36 -7.11
CA TYR A 85 12.15 -4.10 -8.31
C TYR A 85 11.45 -4.73 -9.50
N TYR A 86 11.13 -3.90 -10.48
CA TYR A 86 10.60 -4.37 -11.75
C TYR A 86 11.57 -4.29 -12.91
N CYS A 87 11.70 -5.37 -13.70
CA CYS A 87 12.38 -5.17 -14.99
C CYS A 87 11.32 -4.77 -16.02
N PHE A 88 11.77 -4.22 -17.13
CA PHE A 88 10.96 -3.44 -18.10
C PHE A 88 11.71 -3.50 -19.39
N GLN A 89 11.09 -3.99 -20.47
CA GLN A 89 11.63 -3.83 -21.82
C GLN A 89 10.83 -2.73 -22.58
N GLY A 90 11.55 -1.73 -23.10
CA GLY A 90 10.94 -0.71 -23.92
C GLY A 90 11.26 -0.73 -25.42
N SER A 91 11.58 -1.91 -25.95
CA SER A 91 12.10 -2.06 -27.32
C SER A 91 11.02 -2.53 -28.32
N GLY A 92 9.91 -3.07 -27.82
CA GLY A 92 8.89 -3.56 -28.72
C GLY A 92 7.53 -3.53 -28.06
N TYR A 93 6.49 -3.16 -28.83
CA TYR A 93 5.11 -3.06 -28.30
C TYR A 93 4.39 -4.44 -28.21
N PRO A 94 3.59 -4.67 -27.14
CA PRO A 94 3.43 -3.77 -26.01
C PRO A 94 4.69 -3.73 -25.12
N LEU A 95 4.97 -2.56 -24.54
CA LEU A 95 6.07 -2.42 -23.61
C LEU A 95 5.68 -3.18 -22.36
N THR A 96 6.60 -3.96 -21.80
CA THR A 96 6.23 -4.91 -20.74
C THR A 96 7.17 -4.86 -19.50
N PHE A 97 6.58 -5.15 -18.33
CA PHE A 97 7.30 -5.32 -17.08
C PHE A 97 7.23 -6.77 -16.61
N GLY A 98 8.21 -7.19 -15.80
CA GLY A 98 8.13 -8.55 -15.15
C GLY A 98 7.19 -8.43 -13.94
N GLY A 99 6.99 -9.52 -13.19
CA GLY A 99 6.09 -9.44 -12.04
C GLY A 99 6.67 -8.87 -10.75
N GLY A 100 7.94 -8.44 -10.78
CA GLY A 100 8.61 -7.83 -9.61
C GLY A 100 9.34 -8.89 -8.79
N THR A 101 10.40 -8.45 -8.15
CA THR A 101 10.98 -9.11 -7.02
C THR A 101 10.82 -8.14 -5.81
N LYS A 102 10.06 -8.60 -4.81
CA LYS A 102 9.90 -7.95 -3.57
C LYS A 102 11.10 -8.25 -2.63
N LEU A 103 11.85 -7.20 -2.31
CA LEU A 103 13.10 -7.39 -1.60
C LEU A 103 12.90 -6.88 -0.17
N GLU A 104 12.97 -7.80 0.79
CA GLU A 104 12.91 -7.45 2.20
C GLU A 104 14.27 -7.66 2.89
N ILE A 105 14.41 -7.06 4.07
CA ILE A 105 15.65 -7.17 4.84
C ILE A 105 15.47 -7.98 6.12
N LYS A 106 16.49 -8.75 6.46
CA LYS A 106 16.47 -9.43 7.75
C LYS A 106 16.97 -8.54 8.89
N ARG A 107 16.36 -8.73 10.05
CA ARG A 107 16.86 -8.20 11.28
C ARG A 107 16.81 -9.26 12.37
N ALA A 108 17.22 -8.89 13.58
CA ALA A 108 17.16 -9.78 14.73
C ALA A 108 15.68 -10.08 15.10
N ASP A 109 15.36 -11.33 15.46
CA ASP A 109 13.99 -11.67 15.85
C ASP A 109 13.58 -10.67 16.95
N ALA A 110 12.32 -10.25 16.92
CA ALA A 110 11.74 -9.29 17.90
C ALA A 110 10.31 -9.76 18.23
N ALA A 111 9.99 -9.73 19.52
CA ALA A 111 8.66 -10.16 20.02
C ALA A 111 7.62 -9.05 19.78
N PRO A 112 6.37 -9.42 19.42
CA PRO A 112 5.38 -8.34 19.22
C PRO A 112 4.95 -7.72 20.56
N THR A 113 4.63 -6.45 20.53
CA THR A 113 3.87 -5.84 21.63
C THR A 113 2.36 -5.94 21.30
N VAL A 114 1.60 -6.57 22.22
CA VAL A 114 0.19 -6.96 21.97
C VAL A 114 -0.71 -6.04 22.84
N SER A 115 -1.70 -5.42 22.20
CA SER A 115 -2.64 -4.51 22.83
C SER A 115 -4.03 -4.88 22.39
N ILE A 116 -4.94 -4.93 23.35
CA ILE A 116 -6.34 -5.29 23.03
C ILE A 116 -7.28 -4.10 23.35
N PHE A 117 -8.35 -3.96 22.58
CA PHE A 117 -9.25 -2.84 22.77
C PHE A 117 -10.67 -3.29 22.71
N PRO A 118 -11.48 -2.91 23.71
CA PRO A 118 -12.92 -3.22 23.64
C PRO A 118 -13.64 -2.46 22.53
N PRO A 119 -14.86 -2.91 22.18
CA PRO A 119 -15.75 -2.10 21.31
C PRO A 119 -15.91 -0.72 21.92
N SER A 120 -15.88 0.31 21.09
CA SER A 120 -16.08 1.69 21.62
C SER A 120 -17.58 1.87 21.89
N SER A 121 -17.91 2.68 22.87
CA SER A 121 -19.29 3.00 23.12
C SER A 121 -20.01 3.56 21.88
N GLU A 122 -19.29 4.30 21.03
CA GLU A 122 -19.88 4.82 19.79
C GLU A 122 -20.29 3.68 18.86
N GLN A 123 -19.41 2.70 18.69
CA GLN A 123 -19.80 1.54 17.90
C GLN A 123 -20.97 0.75 18.46
N LEU A 124 -20.99 0.53 19.78
CA LEU A 124 -22.08 -0.18 20.44
C LEU A 124 -23.47 0.47 20.21
N THR A 125 -23.57 1.77 20.44
CA THR A 125 -24.73 2.59 19.97
C THR A 125 -25.30 2.22 18.59
N SER A 126 -24.43 1.84 17.66
CA SER A 126 -24.86 1.49 16.31
C SER A 126 -25.29 0.03 16.11
N GLY A 127 -25.14 -0.84 17.13
CA GLY A 127 -25.57 -2.27 17.01
C GLY A 127 -24.45 -3.28 16.71
N GLY A 128 -23.23 -2.74 16.63
CA GLY A 128 -22.07 -3.52 16.26
C GLY A 128 -21.01 -3.48 17.34
N ALA A 129 -20.12 -4.47 17.28
CA ALA A 129 -19.11 -4.60 18.28
C ALA A 129 -17.83 -5.20 17.73
N SER A 130 -16.84 -4.33 17.53
CA SER A 130 -15.49 -4.78 17.13
C SER A 130 -14.50 -4.80 18.30
N VAL A 131 -13.90 -5.97 18.55
CA VAL A 131 -12.76 -6.10 19.43
C VAL A 131 -11.50 -6.07 18.58
N VAL A 132 -10.57 -5.22 18.98
CA VAL A 132 -9.36 -5.01 18.21
C VAL A 132 -8.09 -5.47 18.92
N CYS A 133 -7.18 -6.11 18.19
CA CYS A 133 -5.91 -6.48 18.79
C CYS A 133 -4.77 -6.08 17.86
N PHE A 134 -3.79 -5.37 18.39
CA PHE A 134 -2.56 -5.11 17.65
C PHE A 134 -1.40 -5.99 18.11
N LEU A 135 -0.68 -6.57 17.14
CA LEU A 135 0.57 -7.30 17.32
C LEU A 135 1.66 -6.51 16.60
N ASN A 136 2.38 -5.68 17.38
CA ASN A 136 3.24 -4.66 16.74
C ASN A 136 4.75 -4.89 16.93
N ASN A 137 5.48 -4.53 15.88
CA ASN A 137 6.96 -4.53 15.83
C ASN A 137 7.56 -5.89 16.13
N PHE A 138 7.16 -6.90 15.39
CA PHE A 138 7.75 -8.22 15.50
C PHE A 138 8.60 -8.56 14.28
N TYR A 139 9.48 -9.54 14.48
CA TYR A 139 10.25 -10.09 13.37
C TYR A 139 10.63 -11.52 13.78
N PRO A 140 10.51 -12.50 12.86
CA PRO A 140 10.10 -12.48 11.46
C PRO A 140 8.57 -12.38 11.28
N LYS A 141 8.13 -12.29 10.03
CA LYS A 141 6.76 -11.88 9.75
C LYS A 141 5.73 -12.92 10.15
N ASP A 142 6.12 -14.18 10.17
CA ASP A 142 5.18 -15.25 10.54
C ASP A 142 4.68 -15.14 11.98
N ILE A 143 3.38 -15.32 12.20
CA ILE A 143 2.80 -15.08 13.53
C ILE A 143 1.38 -15.63 13.46
N ASN A 144 0.95 -16.22 14.58
CA ASN A 144 -0.39 -16.77 14.76
C ASN A 144 -1.07 -15.81 15.75
N VAL A 145 -2.33 -15.48 15.49
CA VAL A 145 -3.21 -14.85 16.50
C VAL A 145 -4.45 -15.74 16.84
N LYS A 146 -4.76 -15.91 18.13
CA LYS A 146 -6.02 -16.55 18.53
C LYS A 146 -6.92 -15.70 19.40
N TRP A 147 -8.24 -15.79 19.16
CA TRP A 147 -9.26 -15.14 20.00
C TRP A 147 -9.96 -16.15 20.87
N LYS A 148 -10.14 -15.81 22.15
CA LYS A 148 -10.94 -16.61 23.05
C LYS A 148 -12.01 -15.75 23.70
N ILE A 149 -13.24 -16.28 23.74
CA ILE A 149 -14.34 -15.60 24.36
C ILE A 149 -14.84 -16.47 25.51
N ASP A 150 -14.78 -15.95 26.74
CA ASP A 150 -14.99 -16.71 27.96
C ASP A 150 -14.25 -18.07 27.85
N GLY A 151 -13.02 -18.03 27.37
CA GLY A 151 -12.13 -19.20 27.36
C GLY A 151 -12.27 -20.08 26.13
N SER A 152 -13.24 -19.78 25.28
CA SER A 152 -13.58 -20.57 24.11
C SER A 152 -13.06 -19.93 22.84
N GLU A 153 -12.28 -20.68 22.09
CA GLU A 153 -11.62 -20.20 20.88
C GLU A 153 -12.67 -19.79 19.86
N ARG A 154 -12.50 -18.60 19.31
CA ARG A 154 -13.40 -18.05 18.33
C ARG A 154 -12.79 -17.84 16.93
N GLN A 155 -13.40 -18.44 15.90
CA GLN A 155 -12.84 -18.49 14.53
C GLN A 155 -13.52 -17.54 13.52
N ASN A 156 -14.83 -17.69 13.41
CA ASN A 156 -15.64 -16.82 12.55
C ASN A 156 -15.62 -15.40 13.10
N GLY A 157 -15.59 -14.41 12.22
CA GLY A 157 -15.70 -12.99 12.58
C GLY A 157 -14.37 -12.24 12.67
N VAL A 158 -13.29 -12.98 12.48
CA VAL A 158 -11.99 -12.32 12.55
C VAL A 158 -11.38 -11.93 11.19
N LEU A 159 -11.05 -10.65 11.08
CA LEU A 159 -10.29 -10.08 9.94
C LEU A 159 -8.92 -9.56 10.35
N ASN A 160 -7.91 -10.03 9.64
CA ASN A 160 -6.52 -9.77 9.93
C ASN A 160 -5.93 -8.87 8.85
N SER A 161 -4.98 -8.00 9.24
CA SER A 161 -4.27 -7.12 8.30
C SER A 161 -2.82 -6.92 8.77
N TRP A 162 -1.87 -7.13 7.86
CA TRP A 162 -0.42 -7.07 8.10
C TRP A 162 0.16 -5.85 7.36
N THR A 163 1.00 -5.05 8.03
CA THR A 163 1.76 -4.02 7.35
C THR A 163 2.97 -4.60 6.59
N ASP A 164 3.46 -3.83 5.62
CA ASP A 164 4.75 -4.04 4.95
C ASP A 164 5.83 -3.81 6.01
N GLN A 165 7.03 -4.32 5.77
CA GLN A 165 8.12 -4.15 6.71
C GLN A 165 8.30 -2.64 7.08
N ASP A 166 8.42 -2.31 8.36
CA ASP A 166 8.57 -0.92 8.84
C ASP A 166 9.85 -0.18 8.35
N SER A 167 9.71 1.07 7.95
N SER A 167 9.65 1.08 7.97
CA SER A 167 10.88 1.76 7.40
CA SER A 167 10.72 1.93 7.42
C SER A 167 11.92 2.24 8.44
C SER A 167 11.85 2.18 8.42
N LYS A 168 11.50 2.46 9.69
CA LYS A 168 12.49 2.82 10.70
C LYS A 168 13.17 1.62 11.40
N ASP A 169 12.48 0.48 11.53
CA ASP A 169 13.04 -0.63 12.36
C ASP A 169 13.01 -2.06 11.76
N SER A 170 12.46 -2.21 10.57
CA SER A 170 12.45 -3.50 9.83
C SER A 170 11.60 -4.59 10.42
N THR A 171 10.64 -4.20 11.25
CA THR A 171 9.73 -5.12 11.88
C THR A 171 8.44 -5.18 11.05
N TYR A 172 7.58 -6.15 11.40
CA TYR A 172 6.22 -6.19 10.87
C TYR A 172 5.23 -5.91 12.00
N SER A 173 4.01 -5.48 11.64
CA SER A 173 2.89 -5.29 12.58
C SER A 173 1.65 -5.92 12.00
N MET A 174 0.71 -6.25 12.88
CA MET A 174 -0.53 -6.93 12.49
C MET A 174 -1.71 -6.50 13.37
N SER A 175 -2.84 -6.24 12.71
CA SER A 175 -4.09 -5.89 13.33
C SER A 175 -5.03 -7.11 13.18
N SER A 176 -5.79 -7.40 14.24
CA SER A 176 -6.77 -8.48 14.22
C SER A 176 -8.04 -7.94 14.81
N THR A 177 -9.11 -7.97 14.02
CA THR A 177 -10.39 -7.41 14.42
C THR A 177 -11.44 -8.52 14.46
N LEU A 178 -12.06 -8.71 15.64
CA LEU A 178 -13.15 -9.65 15.82
C LEU A 178 -14.46 -8.87 15.88
N THR A 179 -15.31 -9.08 14.87
CA THR A 179 -16.57 -8.39 14.81
C THR A 179 -17.73 -9.34 15.13
N LEU A 180 -18.53 -8.92 16.11
CA LEU A 180 -19.66 -9.67 16.60
C LEU A 180 -20.83 -8.71 16.59
N THR A 181 -22.02 -9.24 16.82
CA THR A 181 -23.15 -8.34 17.11
C THR A 181 -22.99 -7.79 18.52
N LYS A 182 -23.63 -6.65 18.80
CA LYS A 182 -23.64 -6.11 20.13
C LYS A 182 -24.28 -7.10 21.11
N ASP A 183 -25.35 -7.76 20.65
CA ASP A 183 -26.05 -8.74 21.43
C ASP A 183 -25.13 -9.89 21.84
N GLU A 184 -24.36 -10.46 20.92
N GLU A 184 -24.41 -10.42 20.84
CA GLU A 184 -23.46 -11.53 21.32
CA GLU A 184 -23.35 -11.45 20.97
C GLU A 184 -22.34 -11.01 22.17
C GLU A 184 -22.34 -11.03 22.01
N TYR A 185 -21.80 -9.83 21.82
CA TYR A 185 -20.77 -9.23 22.65
C TYR A 185 -21.23 -9.05 24.10
N GLU A 186 -22.47 -8.61 24.24
CA GLU A 186 -23.09 -8.44 25.53
C GLU A 186 -23.47 -9.78 26.24
N ARG A 187 -23.40 -10.91 25.54
CA ARG A 187 -23.66 -12.25 26.14
C ARG A 187 -22.45 -12.83 26.90
N HIS A 188 -21.28 -12.19 26.81
CA HIS A 188 -20.05 -12.79 27.28
C HIS A 188 -19.22 -11.74 27.95
N ASN A 189 -18.23 -12.22 28.71
CA ASN A 189 -17.41 -11.36 29.51
C ASN A 189 -15.93 -11.23 29.09
N SER A 190 -15.19 -12.34 29.00
CA SER A 190 -13.71 -12.31 28.82
C SER A 190 -13.38 -12.34 27.40
N TYR A 191 -12.66 -11.31 26.93
CA TYR A 191 -12.22 -11.24 25.54
C TYR A 191 -10.71 -11.29 25.61
N THR A 192 -10.12 -12.27 24.92
CA THR A 192 -8.65 -12.50 24.97
C THR A 192 -8.07 -12.64 23.55
N CYS A 193 -7.00 -11.90 23.29
CA CYS A 193 -6.20 -12.01 22.08
C CYS A 193 -4.88 -12.73 22.50
N GLU A 194 -4.51 -13.83 21.82
CA GLU A 194 -3.26 -14.53 22.13
C GLU A 194 -2.38 -14.52 20.89
N ALA A 195 -1.14 -14.05 21.03
CA ALA A 195 -0.14 -14.04 19.92
C ALA A 195 0.88 -15.15 20.10
N THR A 196 1.05 -15.96 19.06
CA THR A 196 2.07 -17.02 19.10
C THR A 196 3.13 -16.64 18.09
N HIS A 197 4.36 -16.45 18.56
CA HIS A 197 5.49 -16.03 17.68
C HIS A 197 6.73 -16.85 18.06
N LYS A 198 7.68 -16.97 17.14
CA LYS A 198 8.85 -17.82 17.35
C LYS A 198 9.73 -17.39 18.47
N THR A 199 9.62 -16.11 18.88
CA THR A 199 10.45 -15.53 19.93
C THR A 199 10.18 -16.08 21.33
N SER A 200 9.12 -16.87 21.46
CA SER A 200 8.78 -17.57 22.70
C SER A 200 7.85 -18.75 22.50
N THR A 201 7.99 -19.75 23.38
CA THR A 201 7.08 -20.86 23.30
C THR A 201 5.75 -20.46 23.91
N SER A 202 5.80 -19.59 24.91
CA SER A 202 4.56 -19.08 25.51
C SER A 202 3.93 -17.97 24.64
N PRO A 203 2.66 -18.13 24.22
CA PRO A 203 1.83 -17.01 23.68
C PRO A 203 1.80 -15.77 24.57
N ILE A 204 1.81 -14.61 23.92
CA ILE A 204 1.51 -13.35 24.61
C ILE A 204 -0.02 -13.13 24.71
N VAL A 205 -0.52 -12.98 25.92
CA VAL A 205 -1.95 -12.98 26.18
C VAL A 205 -2.39 -11.61 26.69
N LYS A 206 -3.39 -11.04 26.02
CA LYS A 206 -3.96 -9.78 26.48
C LYS A 206 -5.49 -9.96 26.51
N SER A 207 -6.11 -9.53 27.62
CA SER A 207 -7.54 -9.63 27.89
C SER A 207 -8.17 -8.45 28.55
N PHE A 208 -9.50 -8.41 28.49
CA PHE A 208 -10.27 -7.53 29.30
C PHE A 208 -11.58 -8.29 29.52
N ASN A 209 -12.29 -7.86 30.55
CA ASN A 209 -13.66 -8.34 30.82
C ASN A 209 -14.59 -7.17 30.55
N ARG A 210 -15.56 -7.39 29.68
CA ARG A 210 -16.58 -6.42 29.31
C ARG A 210 -17.19 -5.75 30.54
N ASN A 211 -17.49 -6.56 31.56
CA ASN A 211 -18.24 -6.00 32.71
C ASN A 211 -17.38 -5.19 33.67
N GLU A 212 -16.12 -4.98 33.30
CA GLU A 212 -15.21 -4.09 34.08
C GLU A 212 -14.95 -2.81 33.32
N CYS A 213 -15.29 -2.84 32.04
CA CYS A 213 -14.89 -1.94 30.91
C CYS A 213 -13.77 -2.42 29.81
N GLN B 1 13.97 19.92 -13.11
CA GLN B 1 12.74 19.99 -12.30
C GLN B 1 11.56 19.53 -13.15
N VAL B 2 11.70 18.31 -13.66
CA VAL B 2 10.65 17.67 -14.37
C VAL B 2 9.58 17.23 -13.38
N GLN B 3 8.33 17.66 -13.64
CA GLN B 3 7.18 17.26 -12.84
C GLN B 3 6.01 16.78 -13.71
N LEU B 4 5.35 15.72 -13.25
CA LEU B 4 4.17 15.15 -13.90
C LEU B 4 3.14 14.86 -12.81
N VAL B 5 1.96 15.39 -13.05
CA VAL B 5 0.84 15.34 -12.06
C VAL B 5 -0.45 14.88 -12.75
N GLU B 6 -0.85 13.63 -12.49
CA GLU B 6 -2.11 13.00 -12.93
C GLU B 6 -3.25 13.48 -12.00
N THR B 7 -4.40 13.80 -12.58
CA THR B 7 -5.65 14.03 -11.84
C THR B 7 -6.80 13.37 -12.63
N GLY B 8 -7.99 13.28 -12.02
CA GLY B 8 -9.15 12.77 -12.75
C GLY B 8 -9.69 11.50 -12.12
N GLY B 9 -8.86 10.76 -11.37
CA GLY B 9 -9.26 9.48 -10.77
C GLY B 9 -10.45 9.62 -9.84
N GLY B 10 -11.12 8.51 -9.58
CA GLY B 10 -12.33 8.53 -8.78
C GLY B 10 -13.00 7.19 -8.99
N LEU B 11 -14.12 7.01 -8.30
CA LEU B 11 -14.94 5.80 -8.43
C LEU B 11 -15.97 6.04 -9.57
N VAL B 12 -16.15 5.03 -10.44
CA VAL B 12 -17.16 5.09 -11.51
C VAL B 12 -17.77 3.69 -11.62
N ARG B 13 -18.91 3.59 -12.30
CA ARG B 13 -19.60 2.32 -12.51
C ARG B 13 -19.10 1.68 -13.78
N PRO B 14 -19.20 0.35 -13.78
CA PRO B 14 -18.95 -0.43 -14.99
C PRO B 14 -19.75 0.22 -16.16
N GLY B 15 -19.09 0.35 -17.33
CA GLY B 15 -19.63 0.96 -18.53
C GLY B 15 -19.52 2.47 -18.60
N ASN B 16 -19.12 3.14 -17.52
CA ASN B 16 -18.96 4.61 -17.53
C ASN B 16 -17.71 5.01 -18.31
N SER B 17 -17.60 6.29 -18.57
CA SER B 17 -16.41 6.88 -19.11
C SER B 17 -15.76 7.75 -18.02
N LEU B 18 -14.44 7.98 -18.11
CA LEU B 18 -13.71 8.97 -17.27
C LEU B 18 -12.50 9.45 -18.06
N LYS B 19 -12.19 10.76 -17.99
CA LYS B 19 -11.02 11.38 -18.63
C LYS B 19 -9.96 11.73 -17.58
N LEU B 20 -8.73 11.28 -17.81
CA LEU B 20 -7.64 11.58 -16.89
C LEU B 20 -6.78 12.62 -17.51
N SER B 21 -6.19 13.47 -16.67
CA SER B 21 -5.28 14.52 -17.08
C SER B 21 -3.94 14.33 -16.45
N CYS B 22 -2.91 14.82 -17.13
CA CYS B 22 -1.54 14.74 -16.62
C CYS B 22 -0.90 16.06 -17.06
N VAL B 23 -0.71 16.97 -16.11
CA VAL B 23 -0.12 18.27 -16.46
C VAL B 23 1.38 18.15 -16.19
N THR B 24 2.20 18.75 -17.02
CA THR B 24 3.62 18.57 -16.76
C THR B 24 4.40 19.91 -16.55
N SER B 25 5.53 19.80 -15.84
CA SER B 25 6.43 20.91 -15.44
C SER B 25 7.89 20.53 -15.86
N GLY B 26 8.69 21.48 -16.38
CA GLY B 26 10.18 21.35 -16.32
C GLY B 26 10.94 20.63 -17.43
N PHE B 27 10.29 20.55 -18.58
CA PHE B 27 10.87 20.03 -19.79
C PHE B 27 10.03 20.53 -20.92
N THR B 28 10.58 20.51 -22.10
CA THR B 28 9.85 20.99 -23.24
C THR B 28 8.91 19.88 -23.75
N PHE B 29 7.68 19.94 -23.21
CA PHE B 29 6.64 18.89 -23.38
C PHE B 29 6.47 18.30 -24.78
N SER B 30 6.32 19.17 -25.77
CA SER B 30 6.08 18.78 -27.16
C SER B 30 7.21 18.00 -27.83
N ASN B 31 8.39 17.93 -27.21
CA ASN B 31 9.52 17.21 -27.87
C ASN B 31 9.66 15.76 -27.40
N TYR B 32 8.74 15.31 -26.54
CA TYR B 32 8.81 13.97 -25.95
C TYR B 32 7.53 13.17 -26.13
N ARG B 33 7.70 11.88 -26.36
CA ARG B 33 6.59 10.91 -26.36
C ARG B 33 6.12 10.76 -24.94
N MET B 34 4.83 10.51 -24.74
CA MET B 34 4.24 10.50 -23.41
C MET B 34 3.36 9.26 -23.36
N HIS B 35 3.21 8.65 -22.17
CA HIS B 35 2.60 7.33 -22.04
C HIS B 35 1.63 7.36 -20.89
N TRP B 36 0.62 6.48 -20.93
CA TRP B 36 -0.10 6.13 -19.71
C TRP B 36 0.18 4.69 -19.41
N LEU B 37 0.29 4.40 -18.11
CA LEU B 37 0.50 3.07 -17.53
C LEU B 37 -0.47 2.93 -16.41
N ARG B 38 -0.59 1.73 -15.85
CA ARG B 38 -1.41 1.49 -14.67
C ARG B 38 -0.95 0.31 -13.84
N GLN B 39 -1.42 0.26 -12.60
CA GLN B 39 -1.08 -0.85 -11.74
C GLN B 39 -2.31 -1.20 -10.90
N PRO B 40 -2.94 -2.37 -11.15
CA PRO B 40 -4.02 -2.82 -10.28
C PRO B 40 -3.43 -3.10 -8.89
N PRO B 41 -4.25 -2.97 -7.82
CA PRO B 41 -3.65 -3.14 -6.51
C PRO B 41 -3.13 -4.58 -6.37
N GLY B 42 -1.90 -4.73 -5.88
CA GLY B 42 -1.28 -6.07 -5.67
C GLY B 42 -0.72 -6.72 -6.93
N LYS B 43 -0.57 -5.94 -7.99
CA LYS B 43 -0.22 -6.49 -9.29
C LYS B 43 0.88 -5.67 -9.96
N ARG B 44 1.45 -6.19 -11.03
CA ARG B 44 2.62 -5.56 -11.59
C ARG B 44 2.16 -4.36 -12.43
N LEU B 45 3.11 -3.53 -12.81
CA LEU B 45 2.82 -2.39 -13.68
C LEU B 45 2.53 -2.88 -15.09
N GLU B 46 1.75 -2.07 -15.82
CA GLU B 46 1.22 -2.39 -17.15
C GLU B 46 1.34 -1.13 -18.00
N TRP B 47 1.96 -1.24 -19.14
CA TRP B 47 1.98 -0.13 -20.12
C TRP B 47 0.69 -0.18 -20.95
N ILE B 48 -0.01 0.94 -21.15
CA ILE B 48 -1.29 0.84 -21.86
C ILE B 48 -1.40 1.76 -23.06
N ALA B 49 -0.64 2.86 -23.08
CA ALA B 49 -0.74 3.72 -24.25
C ALA B 49 0.41 4.74 -24.42
N VAL B 50 0.76 5.05 -25.66
CA VAL B 50 1.79 6.05 -26.01
C VAL B 50 1.25 7.01 -27.08
N ILE B 51 1.55 8.29 -26.94
CA ILE B 51 1.32 9.23 -28.05
C ILE B 51 2.66 9.82 -28.50
N THR B 52 2.94 9.79 -29.80
CA THR B 52 4.20 10.29 -30.36
C THR B 52 4.17 11.81 -30.41
N VAL B 53 5.30 12.44 -30.76
CA VAL B 53 5.37 13.90 -30.82
C VAL B 53 4.61 14.42 -32.05
N LYS B 54 4.06 15.63 -31.93
CA LYS B 54 3.31 16.28 -33.04
C LYS B 54 3.79 15.94 -34.48
N SER B 55 5.11 16.01 -34.71
CA SER B 55 5.69 15.68 -36.01
C SER B 55 5.59 14.21 -36.53
N ASP B 56 5.70 13.19 -35.66
CA ASP B 56 5.75 11.76 -36.11
C ASP B 56 4.61 11.45 -37.07
N ILE B 57 3.38 11.43 -36.56
CA ILE B 57 2.25 10.84 -37.31
C ILE B 57 2.48 9.30 -37.42
N TYR B 58 3.42 8.78 -36.61
CA TYR B 58 3.31 7.40 -36.17
C TYR B 58 2.05 7.29 -35.26
N GLY B 59 1.60 8.43 -34.75
CA GLY B 59 0.32 8.54 -34.05
C GLY B 59 0.36 8.03 -32.61
N ALA B 60 -0.53 7.10 -32.31
CA ALA B 60 -0.71 6.59 -30.95
C ALA B 60 -0.66 5.09 -31.05
N ASN B 61 -0.22 4.46 -29.97
CA ASN B 61 -0.27 3.00 -29.91
C ASN B 61 -0.85 2.58 -28.54
N TYR B 62 -1.48 1.41 -28.45
CA TYR B 62 -2.22 0.97 -27.22
C TYR B 62 -1.90 -0.47 -26.89
N ALA B 63 -1.93 -0.83 -25.59
CA ALA B 63 -2.06 -2.25 -25.23
C ALA B 63 -3.40 -2.76 -25.67
N GLU B 64 -3.46 -4.06 -25.99
CA GLU B 64 -4.69 -4.67 -26.45
C GLU B 64 -5.78 -4.61 -25.40
N SER B 65 -5.37 -4.55 -24.14
CA SER B 65 -6.33 -4.59 -23.04
C SER B 65 -7.27 -3.36 -23.11
N VAL B 66 -6.81 -2.27 -23.74
CA VAL B 66 -7.54 -0.98 -23.74
C VAL B 66 -7.85 -0.49 -25.18
N LYS B 67 -7.17 -1.07 -26.16
CA LYS B 67 -7.30 -0.67 -27.59
C LYS B 67 -8.78 -0.65 -28.03
N GLY B 68 -9.20 0.44 -28.67
CA GLY B 68 -10.60 0.62 -29.07
C GLY B 68 -11.56 0.96 -27.94
N ARG B 69 -11.06 1.15 -26.70
CA ARG B 69 -11.87 1.71 -25.57
C ARG B 69 -11.35 3.03 -25.01
N PHE B 70 -10.02 3.16 -24.97
CA PHE B 70 -9.33 4.34 -24.37
C PHE B 70 -8.69 5.16 -25.49
N THR B 71 -8.53 6.47 -25.30
CA THR B 71 -7.86 7.31 -26.27
C THR B 71 -6.86 8.19 -25.57
N ILE B 72 -5.61 8.16 -26.04
CA ILE B 72 -4.58 9.06 -25.55
C ILE B 72 -4.57 10.28 -26.46
N SER B 73 -4.45 11.47 -25.87
CA SER B 73 -4.29 12.68 -26.65
C SER B 73 -3.30 13.62 -25.97
N ARG B 74 -2.77 14.56 -26.71
CA ARG B 74 -1.93 15.59 -26.08
C ARG B 74 -2.38 17.02 -26.45
N ASP B 75 -2.14 17.94 -25.52
CA ASP B 75 -2.24 19.35 -25.79
C ASP B 75 -0.89 19.98 -25.46
N ASP B 76 -0.08 20.17 -26.48
CA ASP B 76 1.25 20.81 -26.28
C ASP B 76 1.20 22.22 -25.69
N SER B 77 0.16 23.00 -26.05
CA SER B 77 0.04 24.36 -25.52
C SER B 77 -0.20 24.30 -24.02
N LYS B 78 -0.88 23.25 -23.57
CA LYS B 78 -1.14 23.07 -22.15
C LYS B 78 -0.06 22.20 -21.49
N SER B 79 0.93 21.73 -22.27
CA SER B 79 1.98 20.81 -21.79
C SER B 79 1.37 19.63 -21.03
N SER B 80 0.38 18.95 -21.63
CA SER B 80 -0.49 17.98 -20.89
C SER B 80 -0.83 16.77 -21.77
N VAL B 81 -0.88 15.58 -21.16
CA VAL B 81 -1.36 14.43 -21.92
C VAL B 81 -2.67 13.94 -21.24
N TYR B 82 -3.59 13.32 -22.01
CA TYR B 82 -4.89 12.84 -21.52
C TYR B 82 -5.16 11.36 -21.82
N LEU B 83 -6.02 10.74 -21.01
CA LEU B 83 -6.50 9.37 -21.24
C LEU B 83 -7.99 9.43 -21.06
N GLN B 84 -8.70 9.40 -22.19
CA GLN B 84 -10.13 9.31 -22.22
C GLN B 84 -10.45 7.82 -22.16
N MET B 85 -11.09 7.39 -21.09
CA MET B 85 -11.46 6.00 -20.93
C MET B 85 -12.98 5.88 -21.19
N SER B 86 -13.44 4.70 -21.69
CA SER B 86 -14.86 4.44 -21.99
C SER B 86 -15.08 2.96 -21.74
N ARG B 87 -16.34 2.53 -21.62
CA ARG B 87 -16.66 1.08 -21.56
C ARG B 87 -15.87 0.40 -20.44
N LEU B 88 -15.79 1.11 -19.30
CA LEU B 88 -14.92 0.72 -18.20
C LEU B 88 -15.44 -0.57 -17.55
N ARG B 89 -14.51 -1.41 -17.12
CA ARG B 89 -14.90 -2.57 -16.34
C ARG B 89 -14.06 -2.71 -15.08
N GLU B 90 -14.43 -3.71 -14.29
CA GLU B 90 -13.90 -3.85 -12.97
C GLU B 90 -12.39 -3.99 -13.01
N GLU B 91 -11.88 -4.78 -13.96
N GLU B 91 -11.92 -4.78 -13.99
CA GLU B 91 -10.43 -4.99 -14.14
CA GLU B 91 -10.48 -5.02 -14.28
C GLU B 91 -9.67 -3.77 -14.71
C GLU B 91 -9.68 -3.75 -14.58
N ASP B 92 -10.36 -2.66 -14.92
CA ASP B 92 -9.66 -1.37 -15.22
C ASP B 92 -9.30 -0.61 -13.93
N THR B 93 -9.72 -1.16 -12.80
CA THR B 93 -9.38 -0.64 -11.46
C THR B 93 -7.87 -0.66 -11.23
N ALA B 94 -7.32 0.51 -10.92
CA ALA B 94 -5.85 0.71 -10.90
C ALA B 94 -5.49 2.14 -10.59
N THR B 95 -4.24 2.31 -10.18
CA THR B 95 -3.61 3.60 -10.14
C THR B 95 -3.04 3.77 -11.51
N TYR B 96 -3.38 4.91 -12.11
CA TYR B 96 -2.95 5.27 -13.42
C TYR B 96 -1.82 6.33 -13.33
N TYR B 97 -0.73 6.12 -14.09
CA TYR B 97 0.42 7.03 -14.18
C TYR B 97 0.67 7.53 -15.59
N CYS B 98 1.05 8.79 -15.74
CA CYS B 98 1.60 9.27 -17.02
C CYS B 98 3.15 9.29 -16.88
N SER B 99 3.87 9.03 -17.99
CA SER B 99 5.34 8.91 -17.99
C SER B 99 5.78 9.60 -19.26
N ARG B 100 7.00 10.15 -19.25
CA ARG B 100 7.64 10.68 -20.44
C ARG B 100 8.65 9.58 -20.79
N SER B 101 9.03 9.46 -22.05
CA SER B 101 10.09 8.53 -22.34
C SER B 101 11.22 9.21 -23.14
N ARG B 102 12.42 8.63 -23.07
CA ARG B 102 13.49 8.89 -24.06
C ARG B 102 14.22 7.64 -24.46
N GLY B 103 14.32 7.46 -25.77
CA GLY B 103 14.70 6.23 -26.39
C GLY B 103 13.85 5.09 -25.88
N ARG B 104 14.49 4.03 -25.40
CA ARG B 104 13.77 2.86 -24.87
C ARG B 104 13.27 2.99 -23.41
N THR B 105 13.56 4.12 -22.73
CA THR B 105 13.36 4.23 -21.31
C THR B 105 12.21 5.17 -20.91
N LEU B 106 11.38 4.76 -19.97
CA LEU B 106 10.38 5.66 -19.42
C LEU B 106 11.10 6.38 -18.29
N ASP B 107 11.49 7.64 -18.44
CA ASP B 107 12.40 8.25 -17.47
C ASP B 107 11.73 8.92 -16.24
N TYR B 108 10.58 9.54 -16.45
CA TYR B 108 9.88 10.28 -15.40
C TYR B 108 8.43 9.92 -15.35
N TRP B 109 7.96 9.57 -14.16
CA TRP B 109 6.60 9.32 -13.85
C TRP B 109 5.93 10.39 -12.94
N GLY B 110 4.63 10.59 -13.10
CA GLY B 110 3.78 11.17 -12.05
C GLY B 110 3.54 10.39 -10.75
N GLN B 111 2.82 11.02 -9.82
CA GLN B 111 2.55 10.41 -8.51
C GLN B 111 1.43 9.35 -8.55
N GLY B 112 0.64 9.36 -9.63
CA GLY B 112 -0.45 8.44 -9.82
C GLY B 112 -1.80 9.06 -9.49
N THR B 113 -2.84 8.62 -10.20
CA THR B 113 -4.22 8.92 -9.81
C THR B 113 -5.02 7.60 -9.80
N SER B 114 -5.87 7.42 -8.80
CA SER B 114 -6.55 6.16 -8.51
C SER B 114 -7.96 6.10 -9.16
N VAL B 115 -8.24 5.03 -9.92
CA VAL B 115 -9.56 4.83 -10.45
C VAL B 115 -10.13 3.48 -9.96
N THR B 116 -11.36 3.54 -9.47
CA THR B 116 -12.06 2.33 -9.00
C THR B 116 -13.28 2.16 -9.90
N VAL B 117 -13.46 0.97 -10.46
CA VAL B 117 -14.63 0.69 -11.26
C VAL B 117 -15.42 -0.34 -10.51
N SER B 118 -16.58 0.06 -10.03
CA SER B 118 -17.32 -0.78 -9.11
C SER B 118 -18.77 -0.42 -9.10
N SER B 119 -19.62 -1.40 -8.87
CA SER B 119 -21.01 -1.03 -8.64
C SER B 119 -21.37 -0.73 -7.14
N ALA B 120 -20.41 -0.86 -6.22
CA ALA B 120 -20.65 -0.66 -4.80
C ALA B 120 -20.91 0.83 -4.48
N LYS B 121 -21.71 1.06 -3.45
CA LYS B 121 -22.22 2.37 -3.09
C LYS B 121 -21.13 3.14 -2.35
N THR B 122 -20.94 4.44 -2.66
CA THR B 122 -20.09 5.30 -1.83
C THR B 122 -20.70 5.38 -0.44
N THR B 123 -19.86 5.17 0.59
CA THR B 123 -20.30 5.12 1.98
C THR B 123 -19.24 5.73 2.89
N ALA B 124 -19.65 6.70 3.69
CA ALA B 124 -18.73 7.41 4.58
C ALA B 124 -18.30 6.54 5.79
N PRO B 125 -17.03 6.64 6.24
CA PRO B 125 -16.66 5.73 7.35
C PRO B 125 -17.23 6.11 8.69
N SER B 126 -17.39 5.09 9.53
CA SER B 126 -17.57 5.26 10.98
C SER B 126 -16.19 5.25 11.63
N VAL B 127 -15.89 6.19 12.54
CA VAL B 127 -14.51 6.35 13.06
C VAL B 127 -14.53 6.17 14.61
N TYR B 128 -13.91 5.10 15.10
CA TYR B 128 -13.95 4.79 16.51
C TYR B 128 -12.62 4.87 17.16
N PRO B 129 -12.56 5.68 18.22
CA PRO B 129 -11.37 5.86 18.99
C PRO B 129 -11.21 4.67 19.96
N LEU B 130 -9.99 4.17 20.08
CA LEU B 130 -9.71 2.99 20.91
C LEU B 130 -8.80 3.32 22.07
N ALA B 131 -9.37 3.37 23.26
CA ALA B 131 -8.63 3.76 24.47
C ALA B 131 -8.06 2.49 25.12
N PRO B 132 -6.79 2.52 25.55
CA PRO B 132 -6.13 1.35 26.13
C PRO B 132 -6.82 0.91 27.42
N VAL B 133 -6.73 -0.39 27.68
CA VAL B 133 -7.18 -1.02 28.90
C VAL B 133 -5.98 -1.11 29.86
N CYS B 134 -4.76 -1.06 29.31
CA CYS B 134 -3.43 -1.18 30.02
C CYS B 134 -2.24 -0.55 29.26
N GLY B 135 -1.25 -0.05 30.00
CA GLY B 135 0.06 0.33 29.42
C GLY B 135 0.78 -0.89 28.85
N ASP B 136 1.87 -0.67 28.11
CA ASP B 136 2.56 -1.75 27.41
C ASP B 136 3.37 -2.59 28.39
N THR B 137 3.54 -3.87 28.08
CA THR B 137 4.24 -4.86 28.95
C THR B 137 5.66 -4.44 29.43
N THR B 138 6.40 -3.71 28.59
CA THR B 138 7.74 -3.17 28.90
C THR B 138 7.75 -2.04 29.98
N GLY B 139 7.15 -0.89 29.67
CA GLY B 139 7.02 0.19 30.66
C GLY B 139 5.71 0.98 30.73
N SER B 140 5.77 2.32 30.80
CA SER B 140 6.76 3.21 30.14
C SER B 140 6.20 3.68 28.78
N SER B 141 5.49 2.77 28.09
CA SER B 141 4.76 3.05 26.81
C SER B 141 3.27 2.68 26.84
N VAL B 142 2.46 3.38 26.03
CA VAL B 142 1.07 3.01 25.75
C VAL B 142 0.73 3.03 24.27
N THR B 143 -0.11 2.09 23.84
CA THR B 143 -0.64 2.01 22.46
C THR B 143 -2.08 2.46 22.46
N LEU B 144 -2.38 3.43 21.59
CA LEU B 144 -3.77 3.83 21.36
C LEU B 144 -4.20 3.35 19.97
N GLY B 145 -5.50 3.33 19.71
CA GLY B 145 -5.99 2.88 18.42
C GLY B 145 -7.10 3.74 17.81
N CYS B 146 -7.24 3.58 16.49
CA CYS B 146 -8.37 4.12 15.79
C CYS B 146 -8.94 3.07 14.82
N LEU B 147 -10.26 2.85 14.85
CA LEU B 147 -10.87 1.86 13.98
C LEU B 147 -11.75 2.59 13.00
N VAL B 148 -11.55 2.32 11.70
CA VAL B 148 -12.33 2.98 10.65
C VAL B 148 -13.10 1.99 9.79
N LYS B 149 -14.42 2.06 9.87
CA LYS B 149 -15.22 0.93 9.48
C LYS B 149 -16.33 1.31 8.54
N GLY B 150 -16.62 0.39 7.63
CA GLY B 150 -17.82 0.51 6.77
C GLY B 150 -17.80 1.64 5.75
N TYR B 151 -16.68 1.80 5.06
CA TYR B 151 -16.55 2.81 4.01
C TYR B 151 -16.30 2.21 2.65
N PHE B 152 -16.58 3.02 1.64
CA PHE B 152 -16.32 2.66 0.24
C PHE B 152 -16.25 3.96 -0.59
N PRO B 153 -15.33 4.10 -1.56
CA PRO B 153 -14.21 3.24 -1.99
C PRO B 153 -12.95 3.59 -1.15
N GLU B 154 -11.84 2.91 -1.38
CA GLU B 154 -10.55 3.44 -0.97
C GLU B 154 -10.28 4.80 -1.73
N PRO B 155 -9.47 5.70 -1.15
CA PRO B 155 -8.80 5.55 0.13
C PRO B 155 -9.37 6.49 1.20
N VAL B 156 -8.98 6.22 2.43
CA VAL B 156 -9.11 7.18 3.52
C VAL B 156 -7.73 7.75 3.78
N THR B 157 -7.67 8.92 4.41
CA THR B 157 -6.40 9.42 4.92
C THR B 157 -6.48 9.52 6.41
N LEU B 158 -5.63 8.77 7.12
CA LEU B 158 -5.63 8.78 8.59
C LEU B 158 -4.37 9.42 9.09
N THR B 159 -4.52 10.33 10.04
CA THR B 159 -3.36 10.89 10.70
C THR B 159 -3.67 10.95 12.18
N TRP B 160 -2.68 11.34 12.96
CA TRP B 160 -2.78 11.37 14.38
C TRP B 160 -2.28 12.77 14.69
N ASN B 161 -3.03 13.51 15.52
CA ASN B 161 -2.72 14.94 15.76
C ASN B 161 -2.46 15.76 14.50
N SER B 162 -3.36 15.62 13.54
CA SER B 162 -3.23 16.25 12.21
C SER B 162 -1.86 16.01 11.52
N GLY B 163 -1.23 14.85 11.75
CA GLY B 163 0.08 14.56 11.18
C GLY B 163 1.36 14.90 11.95
N SER B 164 1.24 15.65 13.07
CA SER B 164 2.34 15.93 14.01
C SER B 164 2.82 14.69 14.77
N LEU B 165 1.91 13.74 14.96
CA LEU B 165 2.30 12.46 15.51
C LEU B 165 2.57 11.46 14.39
N SER B 166 3.84 11.27 14.01
CA SER B 166 4.16 10.40 12.87
C SER B 166 4.99 9.19 13.26
N SER B 167 5.73 9.33 14.34
CA SER B 167 6.58 8.28 14.83
C SER B 167 5.75 7.30 15.66
N GLY B 168 6.04 6.00 15.54
CA GLY B 168 5.41 4.99 16.39
C GLY B 168 4.00 4.61 15.94
N VAL B 169 3.67 4.98 14.71
CA VAL B 169 2.34 4.80 14.14
C VAL B 169 2.38 3.58 13.23
N HIS B 170 1.30 2.80 13.28
CA HIS B 170 1.09 1.71 12.32
C HIS B 170 -0.30 1.77 11.75
N THR B 171 -0.41 2.10 10.46
CA THR B 171 -1.73 2.15 9.80
C THR B 171 -1.84 0.99 8.82
N PHE B 172 -2.85 0.14 9.03
CA PHE B 172 -2.92 -1.16 8.38
C PHE B 172 -3.67 -1.07 7.07
N PRO B 173 -3.26 -1.86 6.06
CA PRO B 173 -4.01 -1.80 4.80
C PRO B 173 -5.48 -2.18 5.02
N ALA B 174 -6.36 -1.53 4.28
CA ALA B 174 -7.78 -1.78 4.39
C ALA B 174 -8.13 -3.16 3.87
N VAL B 175 -9.16 -3.74 4.44
CA VAL B 175 -9.62 -5.05 4.04
C VAL B 175 -11.10 -4.92 3.64
N LEU B 176 -11.46 -5.52 2.49
CA LEU B 176 -12.79 -5.38 1.91
C LEU B 176 -13.70 -6.52 2.34
N GLN B 177 -14.88 -6.18 2.84
CA GLN B 177 -15.85 -7.22 3.19
C GLN B 177 -17.24 -6.73 2.87
N SER B 178 -17.97 -7.43 1.98
CA SER B 178 -19.37 -7.07 1.62
C SER B 178 -19.51 -5.62 1.06
N ASP B 179 -18.63 -5.25 0.12
CA ASP B 179 -18.59 -3.88 -0.46
C ASP B 179 -18.17 -2.76 0.55
N LEU B 180 -17.65 -3.12 1.71
CA LEU B 180 -17.17 -2.09 2.68
C LEU B 180 -15.80 -2.41 3.24
N TYR B 181 -15.01 -1.33 3.39
CA TYR B 181 -13.67 -1.44 3.90
C TYR B 181 -13.60 -1.20 5.42
N THR B 182 -12.68 -1.91 6.06
CA THR B 182 -12.22 -1.45 7.37
C THR B 182 -10.72 -1.45 7.44
N LEU B 183 -10.22 -0.43 8.12
CA LEU B 183 -8.83 -0.10 8.34
C LEU B 183 -8.69 0.23 9.86
N SER B 184 -7.49 0.10 10.43
CA SER B 184 -7.23 0.52 11.80
C SER B 184 -5.87 1.08 11.81
N SER B 185 -5.53 1.77 12.87
CA SER B 185 -4.21 2.32 12.99
C SER B 185 -3.89 2.33 14.48
N SER B 186 -2.64 2.10 14.85
CA SER B 186 -2.22 2.26 16.22
C SER B 186 -1.16 3.37 16.33
N VAL B 187 -1.09 4.06 17.48
CA VAL B 187 0.04 4.89 17.90
C VAL B 187 0.55 4.46 19.28
N THR B 188 1.88 4.42 19.39
CA THR B 188 2.57 4.09 20.63
C THR B 188 3.37 5.33 21.07
N VAL B 189 3.05 5.84 22.27
CA VAL B 189 3.78 6.97 22.87
C VAL B 189 4.30 6.58 24.29
N THR B 190 5.21 7.38 24.83
CA THR B 190 5.72 7.17 26.20
C THR B 190 4.57 7.42 27.15
N SER B 191 4.46 6.62 28.22
CA SER B 191 3.36 6.81 29.15
C SER B 191 3.31 8.21 29.72
N SER B 192 4.45 8.88 29.81
CA SER B 192 4.48 10.29 30.32
C SER B 192 3.89 11.33 29.36
N THR B 193 3.73 10.97 28.09
CA THR B 193 3.10 11.87 27.09
C THR B 193 1.55 11.73 26.98
N TRP B 194 1.01 10.56 27.32
CA TRP B 194 -0.43 10.32 27.27
C TRP B 194 -0.89 9.61 28.53
N PRO B 195 -2.02 10.06 29.15
CA PRO B 195 -2.98 11.06 28.65
C PRO B 195 -2.75 12.53 29.00
N SER B 196 -1.58 12.89 29.54
CA SER B 196 -1.32 14.32 29.84
C SER B 196 -1.42 15.23 28.58
N GLN B 197 -1.00 14.70 27.41
CA GLN B 197 -1.21 15.44 26.16
C GLN B 197 -2.23 14.71 25.32
N SER B 198 -3.03 15.53 24.66
CA SER B 198 -4.14 15.14 23.84
C SER B 198 -3.66 14.36 22.58
N ILE B 199 -4.33 13.24 22.28
CA ILE B 199 -4.08 12.50 21.06
C ILE B 199 -5.43 12.27 20.35
N THR B 200 -5.47 12.61 19.07
CA THR B 200 -6.66 12.58 18.22
C THR B 200 -6.42 11.86 16.87
N CYS B 201 -7.34 10.97 16.51
CA CYS B 201 -7.31 10.26 15.26
C CYS B 201 -8.13 11.11 14.25
N ASN B 202 -7.57 11.39 13.06
CA ASN B 202 -8.24 12.24 12.04
C ASN B 202 -8.39 11.40 10.81
N VAL B 203 -9.61 11.29 10.32
CA VAL B 203 -9.89 10.49 9.12
C VAL B 203 -10.55 11.37 8.06
N ALA B 204 -9.92 11.47 6.91
CA ALA B 204 -10.52 12.11 5.70
C ALA B 204 -11.00 11.04 4.73
N HIS B 205 -12.24 11.19 4.25
CA HIS B 205 -12.71 10.34 3.19
C HIS B 205 -13.24 11.22 2.07
N PRO B 206 -12.36 11.61 1.12
CA PRO B 206 -12.72 12.57 0.04
C PRO B 206 -13.89 12.18 -0.84
N ALA B 207 -14.06 10.91 -1.16
CA ALA B 207 -15.20 10.43 -1.94
C ALA B 207 -16.57 10.75 -1.34
N SER B 208 -16.62 10.90 -0.01
CA SER B 208 -17.89 11.09 0.68
C SER B 208 -17.84 12.47 1.33
N SER B 209 -16.80 13.21 0.94
CA SER B 209 -16.56 14.58 1.38
C SER B 209 -16.55 14.72 2.89
N THR B 210 -16.03 13.71 3.59
CA THR B 210 -15.97 13.76 5.06
C THR B 210 -14.58 13.72 5.70
N LYS B 211 -14.52 14.41 6.84
CA LYS B 211 -13.34 14.54 7.66
C LYS B 211 -13.83 14.47 9.12
N VAL B 212 -13.39 13.43 9.83
CA VAL B 212 -13.85 13.17 11.17
C VAL B 212 -12.66 13.20 12.12
N ASP B 213 -12.78 13.91 13.24
CA ASP B 213 -11.78 13.83 14.32
C ASP B 213 -12.32 13.13 15.56
N LYS B 214 -11.46 12.33 16.17
CA LYS B 214 -11.83 11.53 17.34
C LYS B 214 -10.71 11.55 18.36
N LYS B 215 -10.88 12.32 19.43
CA LYS B 215 -9.96 12.29 20.54
C LYS B 215 -9.96 10.90 21.30
N ILE B 216 -8.78 10.36 21.59
CA ILE B 216 -8.68 9.22 22.49
C ILE B 216 -8.79 9.69 23.95
N GLU B 217 -9.83 9.21 24.64
CA GLU B 217 -10.06 9.48 26.05
C GLU B 217 -9.59 8.33 26.99
N PRO B 218 -8.81 8.66 28.04
CA PRO B 218 -8.46 7.66 29.03
C PRO B 218 -9.69 7.11 29.75
N ARG B 219 -9.66 5.82 30.03
CA ARG B 219 -10.81 5.14 30.58
C ARG B 219 -11.19 5.65 31.97
N GLY B 220 -10.19 6.12 32.71
CA GLY B 220 -10.32 6.42 34.13
C GLY B 220 -9.30 7.46 34.55
N PRO B 221 -9.37 7.93 35.82
CA PRO B 221 -8.55 9.01 36.36
C PRO B 221 -7.07 8.76 36.57
#